data_5T5W
#
_entry.id   5T5W
#
_cell.length_a   106.790
_cell.length_b   106.790
_cell.length_c   129.710
_cell.angle_alpha   90.00
_cell.angle_beta   90.00
_cell.angle_gamma   120.00
#
_symmetry.space_group_name_H-M   'P 31 2 1'
#
loop_
_entity.id
_entity.type
_entity.pdbx_description
1 polymer 'Interleukin-10 receptor subunit beta'
2 polymer 'Interferon lambda receptor 1'
3 polymer 'Interferon lambda-3'
4 non-polymer 2-acetamido-2-deoxy-beta-D-glucopyranose
5 water water
#
loop_
_entity_poly.entity_id
_entity_poly.type
_entity_poly.pdbx_seq_one_letter_code
_entity_poly.pdbx_strand_id
1 'polypeptide(L)'
;GSMVPPPENVRMNSVNFKNILQWESPAFAKGQLTFTAQYLSYRIFQDKCMQTTLTECDFSSLSKYGDHTLRVRAEFADEH
SDWVQITFCPVDDTIIGPPGMQVEVLADSLHMRFLAPKIENEYETWTMKNVYNSWTYNVQYWKQGTDEKFQITPQYDFEV
LRNLEPWTTYCVQVRGFLPDRNKAGEWSEPVCEQTTHDETVPSAAAHHHHHHHH
;
A
2 'polypeptide(L)'
;TSRRPRLAPPQNVTLLSQNFSVYLTWLPGLGNPQDVTYFVAYQSSPTRRRWREVEECAGTKELLCSMMCLKKQDLYNKFK
GRVRTVSPSSKSPWVESEYLDYLFEVEPAPPVLVLTQTEEILSANATYQLPPCMPPLDLKYEVAFWKEGAGNKTLFPVTP
HGQPVQITLQPAASEHHCLSARTIYTFSVPKYSKFSKPTCFLLEVPEANAAALEVLFQ
;
B
3 'polypeptide(L)'
;GSARGCHIAQFKSLSPRELQAFKRAKDALEESLLLKDCKCRSRLFPRTWDLRQLQVRERPVALEAELALTLKVLDATADT
DPALGDVLDQPLHTLHHILSQLRACIQPQPTAGPRTRGRLHRWLHRLQEAPKKESPGCLEASVTFNLFRLLARDLNCVAS
GDLCEAAAHHHHHHHH
;
C
#
loop_
_chem_comp.id
_chem_comp.type
_chem_comp.name
_chem_comp.formula
NAG D-saccharide, beta linking 2-acetamido-2-deoxy-beta-D-glucopyranose 'C8 H15 N O6'
#
# COMPACT_ATOMS: atom_id res chain seq x y z
N MET A 3 -45.90 9.52 -7.00
CA MET A 3 -46.68 8.79 -6.00
C MET A 3 -45.92 8.64 -4.70
N VAL A 4 -44.62 8.42 -4.78
CA VAL A 4 -43.76 8.27 -3.62
C VAL A 4 -42.72 9.37 -3.66
N PRO A 5 -42.53 10.13 -2.57
CA PRO A 5 -41.57 11.24 -2.62
C PRO A 5 -40.15 10.73 -2.54
N PRO A 6 -39.21 11.42 -3.17
CA PRO A 6 -37.81 10.99 -3.15
C PRO A 6 -37.13 11.40 -1.86
N PRO A 7 -35.97 10.82 -1.55
CA PRO A 7 -35.20 11.32 -0.41
C PRO A 7 -34.77 12.77 -0.63
N GLU A 8 -34.75 13.53 0.46
CA GLU A 8 -34.38 14.94 0.42
C GLU A 8 -33.00 15.14 1.05
N ASN A 9 -32.33 16.20 0.62
CA ASN A 9 -31.03 16.62 1.16
C ASN A 9 -30.04 15.45 1.17
N VAL A 10 -29.84 14.87 -0.01
CA VAL A 10 -28.97 13.70 -0.16
C VAL A 10 -27.52 14.16 -0.29
N ARG A 11 -26.68 13.71 0.63
CA ARG A 11 -25.32 14.21 0.74
C ARG A 11 -24.41 13.03 1.07
N MET A 12 -23.11 13.24 0.90
CA MET A 12 -22.12 12.24 1.25
C MET A 12 -21.23 12.82 2.34
N ASN A 13 -21.34 12.29 3.55
CA ASN A 13 -20.51 12.71 4.67
C ASN A 13 -19.31 11.77 4.75
N SER A 14 -18.16 12.23 4.27
CA SER A 14 -16.95 11.42 4.20
C SER A 14 -15.84 12.11 4.97
N VAL A 15 -15.33 11.42 6.00
CA VAL A 15 -14.21 11.92 6.79
C VAL A 15 -13.22 10.77 6.94
N ASN A 16 -11.98 11.00 6.51
CA ASN A 16 -10.93 9.97 6.49
C ASN A 16 -11.39 8.71 5.78
N PHE A 17 -12.07 8.89 4.65
CA PHE A 17 -12.57 7.79 3.81
C PHE A 17 -13.55 6.88 4.54
N LYS A 18 -14.21 7.39 5.58
CA LYS A 18 -15.43 6.76 6.09
C LYS A 18 -16.59 7.47 5.40
N ASN A 19 -17.15 6.82 4.37
CA ASN A 19 -18.09 7.47 3.46
C ASN A 19 -19.51 7.05 3.82
N ILE A 20 -20.25 7.98 4.40
CA ILE A 20 -21.61 7.73 4.88
C ILE A 20 -22.55 8.56 4.02
N LEU A 21 -23.39 7.88 3.25
CA LEU A 21 -24.41 8.55 2.45
C LEU A 21 -25.59 8.86 3.36
N GLN A 22 -25.77 10.12 3.70
CA GLN A 22 -26.84 10.53 4.59
C GLN A 22 -27.96 11.18 3.80
N TRP A 23 -29.18 11.03 4.30
CA TRP A 23 -30.32 11.69 3.70
C TRP A 23 -31.39 11.84 4.77
N GLU A 24 -32.35 12.71 4.49
CA GLU A 24 -33.48 12.97 5.37
C GLU A 24 -34.73 12.36 4.75
N SER A 25 -35.56 11.73 5.59
CA SER A 25 -36.76 11.06 5.11
C SER A 25 -37.83 12.09 4.76
N PRO A 26 -38.45 12.00 3.59
CA PRO A 26 -39.47 12.98 3.21
C PRO A 26 -40.78 12.72 3.95
N ALA A 27 -41.66 13.71 3.87
CA ALA A 27 -42.96 13.63 4.51
C ALA A 27 -43.81 12.56 3.82
N PHE A 28 -44.25 11.57 4.59
CA PHE A 28 -45.04 10.48 4.06
C PHE A 28 -46.05 10.04 5.11
N ALA A 29 -47.31 9.90 4.71
CA ALA A 29 -48.39 9.64 5.66
C ALA A 29 -48.97 8.24 5.56
N LYS A 30 -48.66 7.48 4.51
CA LYS A 30 -49.26 6.16 4.39
C LYS A 30 -48.63 5.15 5.34
N GLY A 31 -47.31 5.24 5.56
CA GLY A 31 -46.66 4.31 6.47
C GLY A 31 -45.18 4.58 6.56
N GLN A 32 -44.48 3.65 7.21
CA GLN A 32 -43.03 3.75 7.38
C GLN A 32 -42.32 3.49 6.05
N LEU A 33 -41.47 4.43 5.65
CA LEU A 33 -40.75 4.26 4.40
C LEU A 33 -39.50 3.39 4.60
N THR A 34 -39.00 2.87 3.49
CA THR A 34 -37.73 2.20 3.42
C THR A 34 -36.95 2.77 2.25
N PHE A 35 -35.64 2.53 2.23
CA PHE A 35 -34.78 3.11 1.22
C PHE A 35 -33.85 2.05 0.66
N THR A 36 -33.34 2.31 -0.54
CA THR A 36 -32.39 1.43 -1.20
C THR A 36 -31.32 2.30 -1.84
N ALA A 37 -30.06 2.13 -1.40
CA ALA A 37 -28.95 2.88 -1.97
C ALA A 37 -28.15 1.98 -2.91
N GLN A 38 -27.64 2.57 -4.00
CA GLN A 38 -26.81 1.84 -4.95
C GLN A 38 -25.54 2.62 -5.26
N TYR A 39 -24.51 1.89 -5.66
CA TYR A 39 -23.29 2.48 -6.20
C TYR A 39 -23.06 1.95 -7.60
N LEU A 40 -22.53 2.79 -8.47
CA LEU A 40 -22.22 2.39 -9.84
C LEU A 40 -20.83 1.75 -9.84
N SER A 41 -20.80 0.41 -9.88
CA SER A 41 -19.59 -0.37 -10.05
C SER A 41 -19.14 -0.29 -11.52
N TYR A 42 -18.11 -1.06 -11.91
CA TYR A 42 -17.64 -0.99 -13.28
C TYR A 42 -18.68 -1.54 -14.25
N ARG A 43 -19.46 -2.53 -13.83
CA ARG A 43 -20.47 -3.13 -14.71
C ARG A 43 -21.79 -2.35 -14.64
N ILE A 44 -22.44 -2.37 -13.48
CA ILE A 44 -23.79 -1.81 -13.35
C ILE A 44 -23.98 -1.35 -11.91
N PHE A 45 -25.05 -0.57 -11.69
CA PHE A 45 -25.45 -0.18 -10.34
C PHE A 45 -25.66 -1.42 -9.47
N GLN A 46 -24.75 -1.65 -8.53
CA GLN A 46 -24.89 -2.71 -7.55
C GLN A 46 -25.56 -2.15 -6.30
N ASP A 47 -26.29 -3.00 -5.60
CA ASP A 47 -26.97 -2.59 -4.38
C ASP A 47 -25.99 -2.58 -3.20
N LYS A 48 -26.16 -1.59 -2.32
CA LYS A 48 -25.45 -1.54 -1.04
C LYS A 48 -26.42 -1.77 0.11
N CYS A 49 -27.29 -0.82 0.41
CA CYS A 49 -28.32 -0.97 1.41
C CYS A 49 -29.63 -1.27 0.70
N MET A 50 -30.25 -2.40 1.03
CA MET A 50 -31.52 -2.80 0.44
C MET A 50 -32.61 -2.76 1.49
N GLN A 51 -33.61 -1.91 1.27
CA GLN A 51 -34.82 -1.86 2.10
C GLN A 51 -34.50 -1.65 3.58
N THR A 52 -33.58 -0.74 3.86
CA THR A 52 -33.27 -0.42 5.24
C THR A 52 -34.20 0.66 5.74
N THR A 53 -34.41 0.67 7.06
CA THR A 53 -35.19 1.69 7.72
C THR A 53 -34.35 2.88 8.18
N LEU A 54 -33.02 2.82 8.00
CA LEU A 54 -32.14 3.88 8.47
C LEU A 54 -32.06 5.01 7.43
N THR A 55 -31.63 6.18 7.90
CA THR A 55 -31.47 7.34 7.04
C THR A 55 -30.05 7.50 6.51
N GLU A 56 -29.29 6.42 6.47
CA GLU A 56 -27.89 6.47 6.04
C GLU A 56 -27.46 5.10 5.56
N CYS A 57 -26.41 5.08 4.74
CA CYS A 57 -25.79 3.87 4.21
C CYS A 57 -24.28 4.02 4.20
N ASP A 58 -23.56 2.94 4.50
CA ASP A 58 -22.10 2.94 4.53
C ASP A 58 -21.54 2.64 3.14
N PHE A 59 -20.67 3.52 2.64
CA PHE A 59 -20.02 3.34 1.33
C PHE A 59 -18.50 3.34 1.46
N SER A 60 -17.99 3.00 2.64
CA SER A 60 -16.56 3.01 2.89
C SER A 60 -15.82 1.99 2.03
N SER A 61 -16.51 0.95 1.57
CA SER A 61 -15.91 -0.09 0.76
C SER A 61 -15.57 0.36 -0.65
N LEU A 62 -15.95 1.58 -1.01
CA LEU A 62 -15.65 2.07 -2.34
C LEU A 62 -14.14 2.13 -2.56
N SER A 63 -13.75 2.00 -3.82
CA SER A 63 -12.35 1.90 -4.22
C SER A 63 -11.50 3.06 -3.70
N LYS A 64 -12.09 4.23 -3.48
CA LYS A 64 -11.40 5.47 -3.12
C LYS A 64 -10.37 5.92 -4.16
N TYR A 65 -10.25 5.23 -5.30
CA TYR A 65 -9.61 5.79 -6.48
C TYR A 65 -10.70 6.19 -7.46
N GLY A 66 -10.55 7.36 -8.08
CA GLY A 66 -11.51 7.72 -9.10
C GLY A 66 -12.85 8.18 -8.53
N ASP A 67 -13.79 8.36 -9.45
CA ASP A 67 -15.11 8.89 -9.15
C ASP A 67 -16.13 7.76 -9.06
N HIS A 68 -17.12 7.94 -8.19
CA HIS A 68 -18.19 6.97 -7.99
C HIS A 68 -19.52 7.68 -8.13
N THR A 69 -20.52 6.95 -8.61
CA THR A 69 -21.86 7.48 -8.77
C THR A 69 -22.78 6.79 -7.77
N LEU A 70 -23.41 7.55 -6.91
CA LEU A 70 -24.27 6.99 -5.88
C LEU A 70 -25.69 7.49 -6.07
N ARG A 71 -26.66 6.60 -5.91
CA ARG A 71 -28.06 6.99 -6.00
C ARG A 71 -28.88 6.25 -4.95
N VAL A 72 -29.95 6.90 -4.49
CA VAL A 72 -30.82 6.34 -3.46
C VAL A 72 -32.27 6.70 -3.81
N ARG A 73 -33.19 5.81 -3.46
CA ARG A 73 -34.61 6.09 -3.63
C ARG A 73 -35.40 5.55 -2.44
N ALA A 74 -36.62 6.05 -2.29
CA ALA A 74 -37.51 5.61 -1.23
C ALA A 74 -38.54 4.65 -1.79
N GLU A 75 -38.83 3.60 -1.03
CA GLU A 75 -39.72 2.53 -1.45
C GLU A 75 -40.79 2.29 -0.38
N PHE A 76 -42.03 2.13 -0.83
CA PHE A 76 -43.15 1.79 0.05
C PHE A 76 -44.00 0.74 -0.66
N ALA A 77 -44.11 -0.44 -0.05
CA ALA A 77 -44.79 -1.61 -0.64
C ALA A 77 -44.06 -1.92 -1.95
N ASP A 78 -44.75 -1.97 -3.10
CA ASP A 78 -44.09 -2.26 -4.37
C ASP A 78 -43.73 -1.02 -5.16
N GLU A 79 -44.38 0.11 -4.88
CA GLU A 79 -44.04 1.36 -5.55
C GLU A 79 -42.78 1.96 -4.95
N HIS A 80 -42.09 2.78 -5.73
CA HIS A 80 -40.85 3.40 -5.29
C HIS A 80 -40.72 4.79 -5.88
N SER A 81 -39.82 5.58 -5.32
CA SER A 81 -39.62 6.95 -5.76
C SER A 81 -38.52 7.04 -6.81
N ASP A 82 -38.28 8.25 -7.29
CA ASP A 82 -37.23 8.48 -8.28
C ASP A 82 -35.85 8.40 -7.64
N TRP A 83 -34.85 8.07 -8.44
CA TRP A 83 -33.48 8.05 -7.95
C TRP A 83 -32.97 9.47 -7.75
N VAL A 84 -32.38 9.73 -6.60
CA VAL A 84 -31.62 10.96 -6.36
C VAL A 84 -30.15 10.58 -6.46
N GLN A 85 -29.46 11.13 -7.44
CA GLN A 85 -28.13 10.67 -7.81
C GLN A 85 -27.09 11.75 -7.51
N ILE A 86 -26.01 11.37 -6.84
CA ILE A 86 -24.87 12.26 -6.61
C ILE A 86 -23.61 11.60 -7.15
N THR A 87 -22.55 12.38 -7.21
CA THR A 87 -21.24 11.89 -7.61
C THR A 87 -20.27 12.16 -6.49
N PHE A 88 -19.43 11.17 -6.20
CA PHE A 88 -18.52 11.24 -5.07
C PHE A 88 -17.13 10.87 -5.55
N CYS A 89 -16.18 11.78 -5.34
CA CYS A 89 -14.76 11.47 -5.53
C CYS A 89 -14.06 11.40 -4.19
N PRO A 90 -13.75 10.21 -3.66
CA PRO A 90 -13.18 10.15 -2.30
C PRO A 90 -11.90 10.95 -2.08
N VAL A 91 -10.92 10.90 -3.00
CA VAL A 91 -9.65 11.57 -2.74
C VAL A 91 -9.82 13.08 -2.68
N ASP A 92 -10.86 13.60 -3.32
CA ASP A 92 -11.07 15.03 -3.36
C ASP A 92 -12.18 15.53 -2.46
N ASP A 93 -13.19 14.70 -2.18
CA ASP A 93 -14.35 15.13 -1.41
C ASP A 93 -14.29 14.71 0.06
N THR A 94 -13.40 13.79 0.42
CA THR A 94 -13.34 13.36 1.81
C THR A 94 -12.72 14.46 2.65
N ILE A 95 -13.13 14.51 3.89
CA ILE A 95 -12.63 15.49 4.82
C ILE A 95 -11.42 14.88 5.52
N ILE A 96 -10.35 15.67 5.62
CA ILE A 96 -9.16 15.24 6.35
C ILE A 96 -9.39 15.58 7.83
N GLY A 97 -9.50 14.56 8.67
CA GLY A 97 -9.78 14.75 10.06
C GLY A 97 -8.59 15.31 10.81
N PRO A 98 -8.78 15.56 12.10
CA PRO A 98 -7.70 16.12 12.92
C PRO A 98 -6.64 15.08 13.21
N PRO A 99 -5.37 15.48 13.29
CA PRO A 99 -4.34 14.53 13.70
C PRO A 99 -4.26 14.45 15.22
N GLY A 100 -3.57 13.42 15.67
CA GLY A 100 -3.22 13.33 17.07
C GLY A 100 -2.06 14.23 17.42
N MET A 101 -1.92 14.54 18.70
CA MET A 101 -0.81 15.37 19.13
C MET A 101 -0.40 15.01 20.55
N GLN A 102 0.80 14.48 20.69
CA GLN A 102 1.39 14.19 22.00
C GLN A 102 2.35 15.33 22.33
N VAL A 103 2.09 16.01 23.44
CA VAL A 103 2.85 17.18 23.86
C VAL A 103 3.59 16.85 25.15
N GLU A 104 4.87 17.19 25.20
CA GLU A 104 5.70 16.99 26.39
C GLU A 104 6.38 18.31 26.73
N VAL A 105 6.50 18.59 28.02
CA VAL A 105 7.12 19.82 28.50
C VAL A 105 8.55 19.53 28.91
N LEU A 106 9.49 20.36 28.44
CA LEU A 106 10.92 20.20 28.76
C LEU A 106 11.51 21.60 28.95
N ALA A 107 11.46 22.10 30.19
CA ALA A 107 11.99 23.42 30.55
C ALA A 107 11.28 24.48 29.71
N ASP A 108 12.00 25.39 29.04
CA ASP A 108 11.38 26.40 28.19
C ASP A 108 11.02 25.86 26.81
N SER A 109 11.34 24.60 26.52
CA SER A 109 10.98 24.00 25.24
C SER A 109 9.62 23.32 25.35
N LEU A 110 9.16 22.75 24.24
CA LEU A 110 7.84 22.12 24.19
C LEU A 110 7.87 21.14 23.02
N HIS A 111 8.04 19.85 23.33
CA HIS A 111 8.11 18.78 22.35
C HIS A 111 6.71 18.28 22.02
N MET A 112 6.35 18.29 20.74
CA MET A 112 5.06 17.78 20.31
C MET A 112 5.24 16.83 19.15
N ARG A 113 4.66 15.63 19.26
CA ARG A 113 4.64 14.64 18.20
C ARG A 113 3.25 14.61 17.58
N PHE A 114 3.18 14.46 16.26
CA PHE A 114 1.91 14.43 15.53
C PHE A 114 1.60 13.01 15.09
N LEU A 115 0.39 12.55 15.40
CA LEU A 115 -0.10 11.25 14.98
C LEU A 115 -1.02 11.44 13.77
N ALA A 116 -0.83 10.62 12.73
CA ALA A 116 -1.60 10.79 11.51
C ALA A 116 -3.08 10.47 11.74
N PRO A 117 -3.97 11.07 10.96
CA PRO A 117 -5.38 10.67 10.99
C PRO A 117 -5.56 9.28 10.38
N LYS A 118 -6.23 8.42 11.11
CA LYS A 118 -6.30 7.00 10.77
C LYS A 118 -7.45 6.75 9.80
N ILE A 119 -7.23 5.83 8.86
CA ILE A 119 -8.26 5.36 7.94
C ILE A 119 -8.74 4.00 8.43
N GLU A 120 -10.01 3.93 8.85
CA GLU A 120 -10.52 2.76 9.55
C GLU A 120 -10.34 1.48 8.73
N ASN A 121 -10.74 1.52 7.45
CA ASN A 121 -10.71 0.32 6.61
C ASN A 121 -9.33 -0.01 6.07
N GLU A 122 -8.29 0.72 6.46
CA GLU A 122 -6.93 0.44 6.07
C GLU A 122 -6.14 0.00 7.30
N TYR A 123 -4.83 0.31 7.32
CA TYR A 123 -3.94 -0.23 8.34
C TYR A 123 -3.02 0.87 8.84
N GLU A 124 -2.30 0.55 9.93
CA GLU A 124 -1.41 1.52 10.57
C GLU A 124 -0.34 2.03 9.61
N THR A 125 0.02 1.24 8.60
CA THR A 125 1.04 1.62 7.63
C THR A 125 0.46 2.29 6.41
N TRP A 126 -0.82 2.66 6.43
CA TRP A 126 -1.44 3.40 5.34
C TRP A 126 -2.51 4.30 5.98
N THR A 127 -2.12 5.54 6.23
CA THR A 127 -2.96 6.54 6.86
C THR A 127 -3.24 7.67 5.87
N MET A 128 -3.96 8.69 6.34
CA MET A 128 -4.23 9.84 5.48
C MET A 128 -2.93 10.46 4.97
N LYS A 129 -1.85 10.39 5.76
CA LYS A 129 -0.55 10.90 5.35
C LYS A 129 -0.01 10.18 4.12
N ASN A 130 -0.41 8.93 3.92
CA ASN A 130 0.07 8.15 2.80
C ASN A 130 -0.83 8.28 1.57
N VAL A 131 -2.01 8.87 1.70
CA VAL A 131 -2.89 8.98 0.55
C VAL A 131 -2.44 10.12 -0.34
N TYR A 132 -2.06 11.24 0.27
CA TYR A 132 -1.69 12.45 -0.46
C TYR A 132 -0.18 12.55 -0.52
N ASN A 133 0.34 12.81 -1.71
CA ASN A 133 1.78 12.81 -1.92
C ASN A 133 2.50 13.98 -1.26
N SER A 134 1.80 15.08 -0.98
CA SER A 134 2.44 16.28 -0.45
C SER A 134 1.96 16.63 0.96
N TRP A 135 1.68 15.62 1.77
CA TRP A 135 1.24 15.85 3.14
C TRP A 135 2.30 16.61 3.94
N THR A 136 1.83 17.57 4.74
CA THR A 136 2.68 18.27 5.69
C THR A 136 1.82 18.73 6.84
N TYR A 137 2.34 18.60 8.07
CA TYR A 137 1.54 19.04 9.20
C TYR A 137 1.62 20.56 9.32
N ASN A 138 0.64 21.10 10.03
CA ASN A 138 0.48 22.53 10.19
C ASN A 138 0.13 22.77 11.65
N VAL A 139 1.00 23.48 12.36
CA VAL A 139 0.88 23.66 13.80
C VAL A 139 0.56 25.12 14.11
N GLN A 140 -0.24 25.33 15.13
CA GLN A 140 -0.68 26.66 15.52
C GLN A 140 -0.68 26.73 17.04
N TYR A 141 -0.04 27.76 17.60
CA TYR A 141 0.06 27.88 19.05
C TYR A 141 -0.10 29.34 19.49
N TRP A 142 -0.41 29.51 20.77
CA TRP A 142 -0.63 30.83 21.33
C TRP A 142 -0.54 30.73 22.85
N LYS A 143 -0.24 31.87 23.48
CA LYS A 143 -0.32 31.94 24.93
C LYS A 143 -1.77 32.01 25.36
N GLN A 144 -2.15 31.18 26.33
CA GLN A 144 -3.55 31.03 26.70
C GLN A 144 -4.13 32.34 27.20
N GLY A 145 -5.07 32.91 26.46
CA GLY A 145 -5.68 34.17 26.83
C GLY A 145 -5.21 35.36 26.03
N THR A 146 -4.34 35.17 25.04
CA THR A 146 -3.81 36.28 24.26
C THR A 146 -4.45 36.42 22.88
N ASP A 147 -4.96 35.33 22.32
CA ASP A 147 -5.63 35.33 21.01
C ASP A 147 -4.71 35.83 19.90
N GLU A 148 -3.42 35.52 20.01
CA GLU A 148 -2.41 35.89 19.00
C GLU A 148 -1.77 34.60 18.51
N LYS A 149 -2.25 34.08 17.40
CA LYS A 149 -1.82 32.78 16.90
C LYS A 149 -0.48 32.88 16.18
N PHE A 150 0.33 31.84 16.33
CA PHE A 150 1.61 31.70 15.64
C PHE A 150 1.62 30.39 14.86
N GLN A 151 2.14 30.45 13.64
CA GLN A 151 2.11 29.32 12.73
C GLN A 151 3.49 28.72 12.60
N ILE A 152 3.54 27.40 12.44
CA ILE A 152 4.79 26.70 12.13
C ILE A 152 4.47 25.47 11.28
N THR A 153 5.30 25.23 10.27
CA THR A 153 5.15 24.04 9.41
C THR A 153 6.32 23.11 9.66
N PRO A 154 6.15 22.05 10.45
CA PRO A 154 7.26 21.12 10.70
C PRO A 154 7.57 20.26 9.47
N GLN A 155 8.83 19.83 9.40
CA GLN A 155 9.29 19.04 8.28
C GLN A 155 8.70 17.64 8.30
N TYR A 156 8.57 17.04 9.49
CA TYR A 156 7.99 15.71 9.60
C TYR A 156 6.95 15.68 10.71
N ASP A 157 6.89 14.56 11.44
CA ASP A 157 5.90 14.36 12.48
C ASP A 157 6.41 14.73 13.88
N PHE A 158 7.48 15.53 13.97
CA PHE A 158 7.99 15.97 15.25
C PHE A 158 8.46 17.41 15.14
N GLU A 159 8.35 18.14 16.26
CA GLU A 159 8.76 19.54 16.30
C GLU A 159 9.02 19.95 17.75
N VAL A 160 9.88 20.95 17.91
CA VAL A 160 10.21 21.48 19.22
C VAL A 160 10.00 22.99 19.20
N LEU A 161 9.26 23.50 20.17
CA LEU A 161 9.01 24.93 20.33
C LEU A 161 9.95 25.46 21.41
N ARG A 162 11.03 26.09 20.99
CA ARG A 162 12.07 26.56 21.90
C ARG A 162 11.94 28.05 22.17
N ASN A 163 12.63 28.49 23.22
CA ASN A 163 12.67 29.90 23.63
C ASN A 163 11.27 30.44 23.96
N LEU A 164 10.52 29.66 24.72
CA LEU A 164 9.22 30.09 25.21
C LEU A 164 9.35 30.77 26.56
N GLU A 165 8.26 31.40 27.00
CA GLU A 165 8.28 32.09 28.28
C GLU A 165 8.05 31.09 29.42
N PRO A 166 8.80 31.23 30.51
CA PRO A 166 8.72 30.23 31.59
C PRO A 166 7.45 30.36 32.41
N TRP A 167 6.97 29.22 32.89
CA TRP A 167 5.76 29.13 33.73
C TRP A 167 4.56 29.76 33.04
N THR A 168 4.48 29.61 31.73
CA THR A 168 3.39 30.17 30.93
C THR A 168 2.67 29.04 30.22
N THR A 169 1.35 29.10 30.21
CA THR A 169 0.52 28.11 29.54
C THR A 169 0.35 28.48 28.07
N TYR A 170 0.68 27.53 27.19
CA TYR A 170 0.49 27.67 25.75
C TYR A 170 -0.44 26.56 25.27
N CYS A 171 -1.34 26.90 24.34
CA CYS A 171 -2.25 25.94 23.72
C CYS A 171 -1.81 25.71 22.28
N VAL A 172 -1.81 24.43 21.86
CA VAL A 172 -1.32 24.07 20.54
C VAL A 172 -2.38 23.30 19.77
N GLN A 173 -2.40 23.50 18.44
CA GLN A 173 -3.27 22.78 17.52
C GLN A 173 -2.45 22.26 16.35
N VAL A 174 -2.91 21.18 15.74
CA VAL A 174 -2.25 20.65 14.55
C VAL A 174 -3.29 20.23 13.52
N ARG A 175 -2.93 20.37 12.24
CA ARG A 175 -3.82 19.92 11.18
C ARG A 175 -2.99 19.39 10.02
N GLY A 176 -3.62 18.54 9.22
CA GLY A 176 -3.04 18.21 7.93
C GLY A 176 -3.11 19.38 6.98
N PHE A 177 -2.26 19.34 5.95
CA PHE A 177 -2.28 20.37 4.93
C PHE A 177 -1.68 19.83 3.65
N LEU A 178 -2.22 20.24 2.50
CA LEU A 178 -1.71 19.79 1.21
C LEU A 178 -1.32 21.00 0.37
N PRO A 179 -0.02 21.32 0.26
CA PRO A 179 0.35 22.59 -0.38
C PRO A 179 0.18 22.59 -1.87
N ASP A 180 0.09 21.42 -2.50
CA ASP A 180 -0.17 21.36 -3.94
C ASP A 180 -1.54 21.96 -4.29
N ARG A 181 -2.55 21.72 -3.44
CA ARG A 181 -3.88 22.26 -3.64
C ARG A 181 -4.25 23.36 -2.64
N ASN A 182 -3.40 23.59 -1.64
CA ASN A 182 -3.72 24.46 -0.50
C ASN A 182 -5.01 24.01 0.19
N LYS A 183 -5.15 22.71 0.38
CA LYS A 183 -6.26 22.11 1.10
C LYS A 183 -5.86 21.87 2.55
N ALA A 184 -6.65 22.36 3.49
CA ALA A 184 -6.37 22.19 4.91
C ALA A 184 -7.32 21.19 5.53
N GLY A 185 -6.77 20.33 6.39
CA GLY A 185 -7.58 19.47 7.21
C GLY A 185 -8.11 20.21 8.41
N GLU A 186 -8.93 19.50 9.17
CA GLU A 186 -9.50 20.07 10.38
C GLU A 186 -8.40 20.19 11.44
N TRP A 187 -8.56 21.21 12.29
CA TRP A 187 -7.62 21.40 13.40
C TRP A 187 -7.87 20.37 14.51
N SER A 188 -6.79 20.01 15.20
CA SER A 188 -6.94 19.21 16.42
C SER A 188 -7.51 20.06 17.55
N GLU A 189 -8.08 19.38 18.55
CA GLU A 189 -8.55 20.10 19.71
C GLU A 189 -7.37 20.75 20.43
N PRO A 190 -7.53 21.97 20.92
CA PRO A 190 -6.41 22.66 21.57
C PRO A 190 -5.96 21.93 22.83
N VAL A 191 -4.68 21.63 22.89
CA VAL A 191 -4.05 21.01 24.06
C VAL A 191 -3.15 22.05 24.70
N CYS A 192 -3.42 22.38 25.96
CA CYS A 192 -2.72 23.44 26.67
C CYS A 192 -1.80 22.81 27.73
N GLU A 193 -0.56 23.30 27.80
CA GLU A 193 0.44 22.77 28.71
C GLU A 193 1.31 23.91 29.23
N GLN A 194 1.72 23.79 30.49
CA GLN A 194 2.50 24.83 31.15
C GLN A 194 3.97 24.46 31.14
N THR A 195 4.81 25.46 30.89
CA THR A 195 6.26 25.29 30.90
C THR A 195 6.80 25.45 32.32
N THR A 196 8.08 25.15 32.47
CA THR A 196 8.79 25.27 33.75
C THR A 196 9.78 26.43 33.65
N HIS A 197 11.04 26.27 34.04
CA HIS A 197 11.95 27.39 34.20
C HIS A 197 13.28 27.14 33.51
N ASP A 198 14.05 28.23 33.38
CA ASP A 198 15.44 28.27 32.91
C ASP A 198 15.55 28.00 31.42
N GLU A 199 16.55 28.61 30.77
CA GLU A 199 16.74 28.54 29.34
C GLU A 199 18.12 27.95 29.02
N THR A 200 18.14 26.96 28.13
CA THR A 200 19.38 26.38 27.65
C THR A 200 19.57 26.72 26.18
N PRO B 9 17.43 -39.55 -1.93
CA PRO B 9 16.00 -39.20 -1.80
C PRO B 9 15.73 -38.24 -0.63
N PRO B 10 15.86 -36.93 -0.87
CA PRO B 10 15.59 -35.96 0.21
C PRO B 10 14.11 -35.88 0.54
N GLN B 11 13.81 -35.87 1.84
CA GLN B 11 12.44 -35.99 2.32
C GLN B 11 11.80 -34.62 2.54
N ASN B 12 12.10 -33.98 3.67
CA ASN B 12 11.59 -32.64 3.96
C ASN B 12 11.95 -31.66 2.86
N VAL B 13 10.97 -31.15 2.13
CA VAL B 13 11.20 -30.17 1.07
C VAL B 13 10.44 -28.90 1.43
N THR B 14 11.17 -27.85 1.79
CA THR B 14 10.58 -26.61 2.27
C THR B 14 11.15 -25.43 1.51
N LEU B 15 10.28 -24.62 0.93
CA LEU B 15 10.63 -23.38 0.23
C LEU B 15 10.16 -22.23 1.11
N LEU B 16 11.09 -21.63 1.85
CA LEU B 16 10.75 -20.63 2.86
C LEU B 16 11.40 -19.29 2.54
N SER B 17 10.86 -18.24 3.14
CA SER B 17 11.40 -16.90 2.99
C SER B 17 11.84 -16.38 4.36
N GLN B 18 13.05 -15.85 4.42
CA GLN B 18 13.59 -15.29 5.66
C GLN B 18 14.49 -14.12 5.29
N ASN B 19 14.22 -12.96 5.90
CA ASN B 19 15.02 -11.76 5.67
C ASN B 19 15.09 -11.44 4.16
N PHE B 20 13.93 -11.02 3.63
CA PHE B 20 13.78 -10.51 2.27
C PHE B 20 14.26 -11.46 1.17
N SER B 21 14.57 -12.71 1.51
CA SER B 21 15.10 -13.64 0.52
C SER B 21 14.33 -14.94 0.63
N VAL B 22 14.42 -15.73 -0.43
CA VAL B 22 13.77 -17.03 -0.51
C VAL B 22 14.86 -18.09 -0.50
N TYR B 23 14.79 -19.00 0.47
CA TYR B 23 15.71 -20.12 0.56
C TYR B 23 14.95 -21.43 0.47
N LEU B 24 15.66 -22.48 0.06
CA LEU B 24 15.11 -23.83 -0.03
C LEU B 24 15.92 -24.73 0.89
N THR B 25 15.26 -25.33 1.88
CA THR B 25 15.91 -26.23 2.83
C THR B 25 15.44 -27.66 2.61
N TRP B 26 16.36 -28.61 2.78
CA TRP B 26 16.02 -30.02 2.63
C TRP B 26 16.82 -30.84 3.63
N LEU B 27 16.19 -31.91 4.13
CA LEU B 27 16.81 -32.80 5.10
C LEU B 27 16.72 -34.23 4.63
N PRO B 28 17.78 -35.03 4.80
CA PRO B 28 17.78 -36.46 4.49
C PRO B 28 17.52 -37.34 5.72
N THR B 37 26.38 -34.42 -2.58
CA THR B 37 26.00 -33.71 -3.79
C THR B 37 24.48 -33.58 -3.93
N TYR B 38 24.02 -32.41 -4.34
CA TYR B 38 22.60 -32.13 -4.51
C TYR B 38 22.37 -31.28 -5.75
N PHE B 39 21.20 -31.46 -6.35
CA PHE B 39 20.75 -30.65 -7.49
C PHE B 39 19.44 -29.97 -7.13
N VAL B 40 19.32 -28.68 -7.46
CA VAL B 40 18.12 -27.91 -7.15
C VAL B 40 17.67 -27.19 -8.40
N ALA B 41 16.35 -27.14 -8.61
CA ALA B 41 15.75 -26.48 -9.76
C ALA B 41 14.56 -25.66 -9.31
N TYR B 42 14.03 -24.85 -10.23
CA TYR B 42 12.87 -24.01 -9.95
C TYR B 42 11.99 -23.90 -11.19
N GLN B 43 10.69 -23.69 -10.95
CA GLN B 43 9.70 -23.54 -12.00
C GLN B 43 8.84 -22.32 -11.70
N SER B 44 8.69 -21.45 -12.70
CA SER B 44 7.82 -20.29 -12.56
C SER B 44 6.37 -20.68 -12.86
N SER B 45 5.43 -19.93 -12.26
CA SER B 45 4.01 -20.22 -12.50
C SER B 45 3.61 -20.00 -13.95
N PRO B 46 3.97 -18.90 -14.62
CA PRO B 46 3.64 -18.82 -16.06
C PRO B 46 4.36 -19.86 -16.90
N THR B 47 5.61 -20.18 -16.59
CA THR B 47 6.37 -21.21 -17.29
C THR B 47 6.27 -22.54 -16.56
N ARG B 48 5.03 -23.07 -16.50
CA ARG B 48 4.74 -24.23 -15.69
C ARG B 48 5.44 -25.49 -16.20
N ARG B 49 5.61 -25.61 -17.51
CA ARG B 49 6.23 -26.78 -18.13
C ARG B 49 7.73 -26.62 -18.34
N ARG B 50 8.39 -25.76 -17.57
CA ARG B 50 9.81 -25.52 -17.72
C ARG B 50 10.45 -25.41 -16.34
N TRP B 51 11.50 -26.21 -16.13
CA TRP B 51 12.33 -26.11 -14.94
C TRP B 51 13.68 -25.53 -15.32
N ARG B 52 14.41 -25.10 -14.29
CA ARG B 52 15.68 -24.42 -14.52
C ARG B 52 16.58 -24.70 -13.33
N GLU B 53 17.81 -25.10 -13.61
CA GLU B 53 18.73 -25.52 -12.56
C GLU B 53 19.40 -24.31 -11.92
N VAL B 54 19.88 -24.50 -10.69
CA VAL B 54 20.63 -23.47 -9.98
C VAL B 54 22.11 -23.72 -10.19
N GLU B 55 22.82 -22.71 -10.73
CA GLU B 55 24.25 -22.85 -10.96
C GLU B 55 25.05 -22.79 -9.67
N GLU B 56 24.61 -21.98 -8.69
CA GLU B 56 25.33 -21.84 -7.43
C GLU B 56 25.23 -23.10 -6.58
N CYS B 57 24.07 -23.74 -6.55
CA CYS B 57 23.86 -24.98 -5.80
C CYS B 57 23.88 -26.20 -6.71
N ALA B 58 24.82 -26.26 -7.65
CA ALA B 58 24.97 -27.40 -8.55
C ALA B 58 26.03 -28.32 -7.98
N GLY B 59 25.60 -29.47 -7.45
CA GLY B 59 26.49 -30.38 -6.78
C GLY B 59 26.92 -29.96 -5.40
N THR B 60 26.17 -29.06 -4.77
CA THR B 60 26.53 -28.59 -3.43
C THR B 60 26.36 -29.70 -2.40
N LYS B 61 27.03 -29.53 -1.27
CA LYS B 61 26.97 -30.46 -0.15
C LYS B 61 26.17 -29.89 1.03
N GLU B 62 25.56 -28.73 0.87
CA GLU B 62 24.79 -28.10 1.94
C GLU B 62 23.37 -28.63 1.96
N LEU B 63 22.59 -28.20 2.96
CA LEU B 63 21.19 -28.56 3.07
C LEU B 63 20.25 -27.39 2.77
N LEU B 64 20.79 -26.22 2.44
CA LEU B 64 19.99 -25.07 2.04
C LEU B 64 20.58 -24.45 0.78
N CYS B 65 19.73 -23.73 0.05
CA CYS B 65 20.12 -23.10 -1.22
C CYS B 65 19.43 -21.75 -1.34
N SER B 66 20.14 -20.77 -1.88
CA SER B 66 19.60 -19.42 -2.07
C SER B 66 18.76 -19.41 -3.34
N MET B 67 17.45 -19.23 -3.19
CA MET B 67 16.53 -19.10 -4.31
C MET B 67 16.26 -17.64 -4.67
N MET B 68 17.21 -16.76 -4.41
CA MET B 68 17.03 -15.32 -4.61
C MET B 68 17.91 -14.84 -5.75
N CYS B 69 17.37 -13.92 -6.54
CA CYS B 69 18.07 -13.30 -7.66
C CYS B 69 18.60 -14.36 -8.63
N LEU B 70 17.67 -15.11 -9.20
CA LEU B 70 18.01 -16.12 -10.19
C LEU B 70 18.00 -15.52 -11.60
N LYS B 71 18.42 -16.33 -12.56
CA LYS B 71 18.70 -15.81 -13.90
C LYS B 71 17.44 -15.34 -14.60
N LYS B 72 16.44 -16.21 -14.70
CA LYS B 72 15.18 -15.85 -15.35
C LYS B 72 14.02 -15.82 -14.36
N GLN B 73 14.30 -15.55 -13.09
CA GLN B 73 13.29 -15.57 -12.04
C GLN B 73 12.26 -14.47 -12.23
N ASP B 74 11.10 -14.66 -11.61
CA ASP B 74 9.99 -13.72 -11.68
C ASP B 74 9.35 -13.69 -10.30
N LEU B 75 9.83 -12.80 -9.43
CA LEU B 75 9.32 -12.74 -8.07
C LEU B 75 7.89 -12.23 -8.01
N TYR B 76 7.34 -11.72 -9.11
CA TYR B 76 5.99 -11.19 -9.16
C TYR B 76 4.93 -12.28 -9.37
N ASN B 77 5.31 -13.56 -9.30
CA ASN B 77 4.38 -14.67 -9.31
C ASN B 77 4.87 -15.73 -8.33
N LYS B 78 4.09 -16.78 -8.18
CA LYS B 78 4.50 -17.88 -7.31
C LYS B 78 5.39 -18.84 -8.08
N PHE B 79 6.29 -19.49 -7.35
CA PHE B 79 7.20 -20.45 -7.97
C PHE B 79 7.51 -21.55 -6.97
N LYS B 80 7.67 -22.76 -7.50
CA LYS B 80 8.06 -23.93 -6.72
C LYS B 80 9.50 -24.30 -7.03
N GLY B 81 10.05 -25.17 -6.21
CA GLY B 81 11.40 -25.66 -6.40
C GLY B 81 11.50 -27.12 -6.03
N ARG B 82 12.37 -27.83 -6.75
CA ARG B 82 12.58 -29.26 -6.54
C ARG B 82 14.06 -29.53 -6.30
N VAL B 83 14.34 -30.60 -5.55
CA VAL B 83 15.70 -30.97 -5.20
C VAL B 83 15.81 -32.49 -5.21
N ARG B 84 16.91 -33.01 -5.76
CA ARG B 84 17.16 -34.44 -5.75
C ARG B 84 18.61 -34.73 -5.35
N THR B 85 18.79 -35.85 -4.66
CA THR B 85 20.11 -36.30 -4.23
C THR B 85 20.77 -37.08 -5.36
N VAL B 86 22.02 -36.74 -5.67
CA VAL B 86 22.75 -37.41 -6.75
C VAL B 86 24.06 -37.94 -6.19
N SER B 87 24.63 -38.90 -6.92
CA SER B 87 25.89 -39.55 -6.56
C SER B 87 26.48 -40.13 -7.83
N PRO B 88 27.79 -40.46 -7.84
CA PRO B 88 28.39 -41.06 -9.04
C PRO B 88 27.85 -42.44 -9.36
N SER B 89 26.86 -42.91 -8.60
CA SER B 89 26.31 -44.23 -8.80
C SER B 89 24.82 -44.25 -9.13
N SER B 90 24.03 -43.28 -8.67
CA SER B 90 22.59 -43.30 -8.91
C SER B 90 22.03 -41.88 -8.77
N LYS B 91 20.78 -41.72 -9.19
CA LYS B 91 20.05 -40.47 -9.09
C LYS B 91 18.73 -40.72 -8.39
N SER B 92 18.38 -39.85 -7.45
CA SER B 92 17.10 -39.95 -6.76
C SER B 92 16.05 -39.14 -7.49
N PRO B 93 14.77 -39.45 -7.27
CA PRO B 93 13.70 -38.70 -7.94
C PRO B 93 13.58 -37.28 -7.41
N TRP B 94 12.99 -36.42 -8.23
CA TRP B 94 12.78 -35.03 -7.86
C TRP B 94 11.69 -34.92 -6.79
N VAL B 95 11.87 -33.96 -5.89
CA VAL B 95 10.93 -33.69 -4.80
C VAL B 95 10.61 -32.19 -4.85
N GLU B 96 9.46 -31.85 -5.41
CA GLU B 96 9.09 -30.45 -5.56
C GLU B 96 8.48 -29.90 -4.27
N SER B 97 8.60 -28.59 -4.08
CA SER B 97 8.08 -27.90 -2.90
C SER B 97 6.70 -27.33 -3.20
N GLU B 98 6.18 -26.56 -2.26
CA GLU B 98 4.94 -25.84 -2.47
C GLU B 98 5.23 -24.48 -3.08
N TYR B 99 4.18 -23.83 -3.59
CA TYR B 99 4.35 -22.52 -4.19
C TYR B 99 4.57 -21.47 -3.12
N LEU B 100 5.27 -20.40 -3.51
CA LEU B 100 5.51 -19.26 -2.63
C LEU B 100 5.38 -17.99 -3.48
N ASP B 101 4.32 -17.22 -3.24
CA ASP B 101 4.13 -15.93 -3.90
C ASP B 101 4.92 -14.90 -3.12
N TYR B 102 5.99 -14.37 -3.73
CA TYR B 102 6.95 -13.56 -2.97
C TYR B 102 6.28 -12.34 -2.37
N LEU B 103 5.60 -11.55 -3.21
CA LEU B 103 4.97 -10.31 -2.77
C LEU B 103 3.99 -10.51 -1.62
N PHE B 104 3.52 -11.73 -1.38
CA PHE B 104 2.54 -11.98 -0.35
C PHE B 104 3.06 -12.83 0.80
N GLU B 105 4.21 -13.48 0.64
CA GLU B 105 4.74 -14.38 1.66
C GLU B 105 6.15 -14.03 2.11
N VAL B 106 6.75 -12.96 1.58
CA VAL B 106 8.11 -12.61 1.96
C VAL B 106 8.14 -12.14 3.41
N GLU B 107 9.13 -12.61 4.17
CA GLU B 107 9.28 -12.15 5.55
C GLU B 107 10.35 -11.07 5.61
N PRO B 108 10.08 -9.94 6.24
CA PRO B 108 11.07 -8.86 6.32
C PRO B 108 12.03 -9.10 7.47
N ALA B 109 13.10 -8.29 7.48
CA ALA B 109 14.13 -8.38 8.51
C ALA B 109 14.12 -7.15 9.40
N PRO B 110 14.45 -7.30 10.68
CA PRO B 110 14.58 -6.14 11.55
C PRO B 110 15.64 -5.19 11.03
N PRO B 111 15.43 -3.88 11.15
CA PRO B 111 16.39 -2.92 10.62
C PRO B 111 17.61 -2.79 11.53
N VAL B 112 18.58 -2.05 11.03
CA VAL B 112 19.75 -1.66 11.81
C VAL B 112 19.63 -0.16 12.08
N LEU B 113 19.58 0.20 13.36
CA LEU B 113 19.34 1.58 13.74
C LEU B 113 20.66 2.34 13.80
N VAL B 114 20.67 3.54 13.21
CA VAL B 114 21.81 4.45 13.27
C VAL B 114 21.46 5.54 14.28
N LEU B 115 22.09 5.49 15.45
CA LEU B 115 21.71 6.36 16.56
C LEU B 115 22.61 7.58 16.61
N THR B 116 21.98 8.76 16.67
CA THR B 116 22.68 10.02 16.84
C THR B 116 21.92 10.86 17.85
N GLN B 117 22.64 11.74 18.55
CA GLN B 117 22.07 12.57 19.60
C GLN B 117 22.44 14.03 19.37
N THR B 118 21.45 14.90 19.50
CA THR B 118 21.64 16.35 19.35
C THR B 118 20.86 17.04 20.44
N GLU B 119 21.58 17.80 21.28
CA GLU B 119 20.97 18.50 22.40
C GLU B 119 20.16 17.54 23.26
N GLU B 120 18.84 17.65 23.21
CA GLU B 120 17.95 16.76 23.96
C GLU B 120 17.10 15.90 23.04
N ILE B 121 17.57 15.66 21.82
CA ILE B 121 16.84 14.86 20.85
C ILE B 121 17.70 13.67 20.43
N LEU B 122 17.10 12.48 20.46
CA LEU B 122 17.74 11.25 19.99
C LEU B 122 17.02 10.77 18.73
N SER B 123 17.74 10.70 17.62
CA SER B 123 17.17 10.23 16.37
C SER B 123 17.65 8.80 16.11
N ALA B 124 16.69 7.91 15.84
CA ALA B 124 16.98 6.50 15.57
C ALA B 124 16.55 6.22 14.13
N ASN B 125 17.53 6.13 13.24
CA ASN B 125 17.28 5.96 11.81
C ASN B 125 17.48 4.51 11.40
N ALA B 126 16.52 3.95 10.67
CA ALA B 126 16.60 2.56 10.26
C ALA B 126 17.36 2.42 8.94
N THR B 127 18.18 1.37 8.84
CA THR B 127 18.94 1.07 7.65
C THR B 127 18.72 -0.39 7.26
N TYR B 128 18.79 -0.67 5.96
CA TYR B 128 18.50 -2.00 5.45
C TYR B 128 19.56 -2.44 4.46
N GLN B 129 19.90 -3.73 4.51
CA GLN B 129 20.70 -4.38 3.48
C GLN B 129 19.72 -5.25 2.69
N LEU B 130 19.43 -4.85 1.45
CA LEU B 130 18.38 -5.48 0.67
C LEU B 130 18.96 -6.19 -0.56
N PRO B 131 18.37 -7.32 -0.96
CA PRO B 131 18.84 -8.00 -2.16
C PRO B 131 18.66 -7.14 -3.37
N PRO B 132 19.58 -7.24 -4.35
CA PRO B 132 19.50 -6.34 -5.52
C PRO B 132 18.27 -6.59 -6.38
N CYS B 133 17.78 -7.82 -6.47
CA CYS B 133 16.64 -8.16 -7.30
C CYS B 133 15.31 -7.99 -6.56
N MET B 134 15.31 -7.30 -5.45
CA MET B 134 14.10 -7.16 -4.65
C MET B 134 13.15 -6.14 -5.29
N PRO B 135 11.86 -6.43 -5.35
CA PRO B 135 10.88 -5.45 -5.83
C PRO B 135 10.82 -4.25 -4.91
N PRO B 136 10.31 -3.11 -5.39
CA PRO B 136 10.28 -1.91 -4.55
C PRO B 136 9.29 -2.03 -3.40
N LEU B 137 9.70 -2.70 -2.34
CA LEU B 137 8.79 -2.95 -1.23
C LEU B 137 8.64 -1.69 -0.38
N ASP B 138 7.45 -1.51 0.17
CA ASP B 138 7.15 -0.43 1.11
C ASP B 138 7.53 -0.88 2.52
N LEU B 139 8.62 -0.32 3.05
CA LEU B 139 9.13 -0.69 4.36
C LEU B 139 8.88 0.44 5.35
N LYS B 140 8.32 0.09 6.50
CA LYS B 140 8.21 1.01 7.61
C LYS B 140 8.65 0.27 8.87
N TYR B 141 9.09 1.04 9.87
CA TYR B 141 9.60 0.43 11.10
C TYR B 141 8.99 1.08 12.32
N GLU B 142 8.94 0.31 13.40
CA GLU B 142 8.43 0.76 14.68
C GLU B 142 9.57 0.66 15.68
N VAL B 143 9.96 1.81 16.25
CA VAL B 143 11.09 1.86 17.17
C VAL B 143 10.60 1.62 18.60
N ALA B 144 11.29 0.72 19.31
CA ALA B 144 11.09 0.49 20.75
C ALA B 144 12.20 1.17 21.55
N PHE B 145 11.81 1.90 22.59
CA PHE B 145 12.75 2.63 23.43
C PHE B 145 12.44 2.40 24.90
N TRP B 146 13.45 2.02 25.68
CA TRP B 146 13.25 1.74 27.11
C TRP B 146 14.59 1.70 27.83
N LYS B 147 14.54 1.90 29.15
CA LYS B 147 15.74 1.79 29.98
C LYS B 147 16.06 0.31 30.23
N GLU B 148 17.36 0.00 30.33
CA GLU B 148 17.84 -1.37 30.46
C GLU B 148 17.20 -2.08 31.64
N GLY B 149 16.36 -3.07 31.37
CA GLY B 149 15.68 -3.80 32.42
C GLY B 149 14.51 -3.07 33.06
N ALA B 150 13.62 -2.49 32.25
CA ALA B 150 12.47 -1.74 32.74
C ALA B 150 11.18 -2.57 32.74
N GLY B 151 10.96 -3.39 31.71
CA GLY B 151 9.74 -4.15 31.56
C GLY B 151 8.70 -3.46 30.69
N ASN B 152 8.59 -2.15 30.83
CA ASN B 152 7.66 -1.34 30.04
C ASN B 152 8.48 -0.56 29.02
N LYS B 153 8.23 -0.81 27.75
CA LYS B 153 8.94 -0.14 26.67
C LYS B 153 8.05 0.93 26.04
N THR B 154 8.65 1.75 25.17
CA THR B 154 7.95 2.83 24.51
C THR B 154 7.92 2.58 23.01
N LEU B 155 6.72 2.44 22.45
CA LEU B 155 6.53 2.26 21.02
C LEU B 155 6.22 3.58 20.36
N PHE B 156 6.95 3.91 19.34
CA PHE B 156 6.68 5.15 18.65
C PHE B 156 5.83 4.90 17.40
N PRO B 157 5.27 5.95 16.80
CA PRO B 157 4.42 5.76 15.62
C PRO B 157 5.18 5.15 14.44
N VAL B 158 4.44 4.45 13.60
CA VAL B 158 5.01 3.84 12.41
C VAL B 158 5.67 4.93 11.55
N THR B 159 6.94 4.71 11.23
CA THR B 159 7.77 5.67 10.51
C THR B 159 8.28 5.07 9.21
N PRO B 160 8.27 5.84 8.11
CA PRO B 160 8.76 5.32 6.83
C PRO B 160 10.26 5.05 6.85
N HIS B 161 10.67 4.07 6.06
CA HIS B 161 12.09 3.83 5.85
C HIS B 161 12.71 4.98 5.07
N GLY B 162 13.69 5.63 5.68
CA GLY B 162 14.32 6.82 5.15
C GLY B 162 14.07 8.06 5.97
N GLN B 163 13.28 7.97 7.03
CA GLN B 163 13.02 9.09 7.92
C GLN B 163 13.33 8.64 9.33
N PRO B 164 14.06 9.41 10.12
CA PRO B 164 14.40 8.98 11.48
C PRO B 164 13.24 9.21 12.43
N VAL B 165 13.28 8.49 13.53
CA VAL B 165 12.36 8.72 14.64
C VAL B 165 13.08 9.61 15.65
N GLN B 166 12.51 10.76 15.94
CA GLN B 166 13.09 11.69 16.90
C GLN B 166 12.45 11.49 18.28
N ILE B 167 13.29 11.35 19.31
CA ILE B 167 12.86 10.97 20.65
C ILE B 167 13.27 12.04 21.65
N THR B 168 12.32 12.48 22.47
CA THR B 168 12.62 13.44 23.53
C THR B 168 13.50 12.82 24.60
N LEU B 169 14.60 13.49 24.96
CA LEU B 169 15.55 13.02 25.96
C LEU B 169 15.56 13.92 27.19
N GLN B 170 15.52 13.31 28.37
CA GLN B 170 15.71 14.07 29.61
C GLN B 170 17.20 14.29 29.85
N PRO B 171 17.63 15.52 30.10
CA PRO B 171 19.07 15.78 30.20
C PRO B 171 19.70 15.24 31.46
N ALA B 172 18.94 15.11 32.55
CA ALA B 172 19.53 14.73 33.82
C ALA B 172 19.97 13.27 33.81
N ALA B 173 20.89 12.96 34.73
CA ALA B 173 21.37 11.61 34.99
C ALA B 173 22.02 10.97 33.76
N SER B 174 22.44 9.72 33.91
CA SER B 174 23.09 8.96 32.83
C SER B 174 22.63 7.50 32.98
N GLU B 175 21.44 7.21 32.47
CA GLU B 175 20.84 5.88 32.58
C GLU B 175 21.11 5.09 31.32
N HIS B 176 21.32 3.78 31.48
CA HIS B 176 21.56 2.88 30.35
C HIS B 176 20.23 2.60 29.66
N HIS B 177 20.03 3.19 28.50
CA HIS B 177 18.85 2.97 27.68
C HIS B 177 19.19 2.07 26.50
N CYS B 178 18.21 1.26 26.09
CA CYS B 178 18.34 0.40 24.92
C CYS B 178 17.31 0.79 23.87
N LEU B 179 17.64 0.51 22.61
CA LEU B 179 16.77 0.81 21.48
C LEU B 179 16.60 -0.40 20.58
N SER B 180 15.36 -0.65 20.18
CA SER B 180 15.06 -1.74 19.26
C SER B 180 14.14 -1.22 18.16
N ALA B 181 14.00 -1.99 17.09
CA ALA B 181 13.11 -1.61 16.00
C ALA B 181 12.68 -2.87 15.24
N ARG B 182 11.48 -2.80 14.64
CA ARG B 182 10.99 -3.87 13.79
C ARG B 182 10.44 -3.31 12.49
N THR B 183 10.58 -4.09 11.43
CA THR B 183 10.14 -3.68 10.11
C THR B 183 8.69 -4.11 9.87
N ILE B 184 7.93 -3.25 9.21
CA ILE B 184 6.57 -3.56 8.79
C ILE B 184 6.54 -3.41 7.27
N TYR B 185 6.40 -4.53 6.58
CA TYR B 185 6.23 -4.53 5.13
C TYR B 185 4.75 -4.60 4.79
N THR B 186 4.30 -3.69 3.93
CA THR B 186 2.89 -3.57 3.60
C THR B 186 2.71 -3.53 2.09
N PHE B 187 2.12 -4.60 1.55
CA PHE B 187 1.67 -4.59 0.17
C PHE B 187 0.15 -4.76 0.17
N SER B 188 -0.32 -5.99 0.22
CA SER B 188 -1.75 -6.22 0.39
C SER B 188 -2.13 -6.21 1.88
N VAL B 189 -1.28 -6.78 2.73
CA VAL B 189 -1.52 -6.86 4.17
C VAL B 189 -0.20 -6.61 4.89
N PRO B 190 -0.19 -5.90 6.02
CA PRO B 190 1.05 -5.70 6.77
C PRO B 190 1.64 -7.00 7.26
N LYS B 191 2.96 -7.10 7.16
CA LYS B 191 3.71 -8.27 7.60
C LYS B 191 4.80 -7.77 8.54
N TYR B 192 4.75 -8.20 9.80
CA TYR B 192 5.65 -7.72 10.82
C TYR B 192 6.79 -8.70 11.00
N SER B 193 7.95 -8.17 11.40
CA SER B 193 9.11 -8.98 11.73
C SER B 193 9.35 -8.91 13.23
N LYS B 194 10.30 -9.72 13.70
CA LYS B 194 10.72 -9.62 15.09
C LYS B 194 11.45 -8.29 15.32
N PHE B 195 11.71 -8.00 16.58
CA PHE B 195 12.53 -6.83 16.93
C PHE B 195 14.01 -7.17 16.85
N SER B 196 14.80 -6.15 16.50
CA SER B 196 16.24 -6.31 16.38
C SER B 196 16.89 -6.48 17.77
N LYS B 197 18.19 -6.78 17.75
CA LYS B 197 18.94 -6.85 18.99
C LYS B 197 18.99 -5.46 19.61
N PRO B 198 18.60 -5.30 20.87
CA PRO B 198 18.55 -3.96 21.46
C PRO B 198 19.94 -3.36 21.61
N THR B 199 20.09 -2.15 21.08
CA THR B 199 21.34 -1.41 21.16
C THR B 199 21.29 -0.54 22.40
N CYS B 200 22.15 -0.84 23.38
CA CYS B 200 22.18 -0.14 24.65
C CYS B 200 23.38 0.80 24.71
N PHE B 201 23.17 1.97 25.31
CA PHE B 201 24.17 3.03 25.34
C PHE B 201 24.02 3.81 26.64
N LEU B 202 24.77 4.90 26.75
CA LEU B 202 24.80 5.72 27.96
C LEU B 202 24.12 7.05 27.68
N LEU B 203 22.91 7.23 28.20
CA LEU B 203 22.14 8.43 27.96
C LEU B 203 22.77 9.63 28.65
N GLU B 204 22.70 10.79 27.99
CA GLU B 204 23.13 12.06 28.57
C GLU B 204 22.68 13.22 27.72
N CYS C 6 -1.12 16.45 -14.69
CA CYS C 6 -0.34 15.23 -14.48
C CYS C 6 0.20 15.13 -13.04
N HIS C 7 -0.29 14.13 -12.30
CA HIS C 7 0.19 13.88 -10.94
C HIS C 7 -0.08 12.40 -10.63
N ILE C 8 0.81 11.54 -11.11
CA ILE C 8 0.74 10.11 -10.86
C ILE C 8 1.68 9.69 -9.76
N ALA C 9 2.35 10.62 -9.10
CA ALA C 9 3.29 10.23 -8.05
C ALA C 9 2.58 9.55 -6.90
N GLN C 10 1.26 9.72 -6.79
CA GLN C 10 0.53 9.09 -5.72
C GLN C 10 0.49 7.58 -5.86
N PHE C 11 0.66 7.05 -7.07
CA PHE C 11 0.56 5.63 -7.34
C PHE C 11 1.83 4.85 -6.97
N LYS C 12 2.81 5.44 -6.28
CA LYS C 12 3.92 4.64 -5.78
C LYS C 12 3.44 3.66 -4.70
N SER C 13 2.48 4.07 -3.87
CA SER C 13 1.95 3.21 -2.81
C SER C 13 0.43 3.09 -2.97
N LEU C 14 -0.04 1.96 -3.50
CA LEU C 14 -1.47 1.72 -3.61
C LEU C 14 -2.07 1.27 -2.28
N SER C 15 -3.35 1.58 -2.10
CA SER C 15 -4.02 1.21 -0.85
C SER C 15 -4.08 -0.32 -0.72
N PRO C 16 -3.78 -0.86 0.46
CA PRO C 16 -3.75 -2.33 0.59
C PRO C 16 -5.07 -3.00 0.27
N ARG C 17 -6.19 -2.36 0.63
CA ARG C 17 -7.50 -2.93 0.29
C ARG C 17 -7.65 -3.08 -1.22
N GLU C 18 -7.12 -2.12 -1.99
CA GLU C 18 -7.17 -2.26 -3.44
C GLU C 18 -6.31 -3.44 -3.90
N LEU C 19 -5.16 -3.64 -3.26
CA LEU C 19 -4.32 -4.76 -3.67
C LEU C 19 -4.93 -6.09 -3.25
N GLN C 20 -5.65 -6.12 -2.13
CA GLN C 20 -6.40 -7.31 -1.77
C GLN C 20 -7.47 -7.62 -2.81
N ALA C 21 -8.09 -6.59 -3.38
CA ALA C 21 -9.07 -6.76 -4.44
C ALA C 21 -8.42 -7.29 -5.71
N PHE C 22 -7.24 -6.76 -6.05
CA PHE C 22 -6.50 -7.29 -7.19
C PHE C 22 -6.04 -8.72 -6.95
N LYS C 23 -5.56 -9.02 -5.74
CA LYS C 23 -5.09 -10.37 -5.45
C LYS C 23 -6.21 -11.39 -5.60
N ARG C 24 -7.43 -11.04 -5.17
CA ARG C 24 -8.59 -11.93 -5.39
C ARG C 24 -8.88 -12.09 -6.87
N ALA C 25 -8.59 -11.06 -7.67
CA ALA C 25 -8.79 -11.16 -9.11
C ALA C 25 -7.78 -12.13 -9.74
N LYS C 26 -6.50 -11.95 -9.43
CA LYS C 26 -5.48 -12.82 -10.02
C LYS C 26 -5.70 -14.27 -9.61
N ASP C 27 -6.11 -14.50 -8.35
CA ASP C 27 -6.43 -15.85 -7.92
C ASP C 27 -7.66 -16.40 -8.64
N ALA C 28 -8.62 -15.53 -8.99
CA ALA C 28 -9.81 -15.99 -9.69
C ALA C 28 -9.55 -16.23 -11.17
N LEU C 29 -8.70 -15.40 -11.78
CA LEU C 29 -8.36 -15.59 -13.20
C LEU C 29 -7.54 -16.84 -13.42
N GLU C 30 -6.61 -17.14 -12.50
CA GLU C 30 -5.78 -18.33 -12.65
C GLU C 30 -6.62 -19.60 -12.64
N GLU C 31 -7.75 -19.60 -11.92
CA GLU C 31 -8.62 -20.76 -11.92
C GLU C 31 -9.30 -20.97 -13.26
N SER C 32 -9.63 -19.88 -13.96
CA SER C 32 -10.27 -19.96 -15.26
C SER C 32 -9.28 -20.19 -16.40
N LEU C 33 -8.04 -19.72 -16.24
CA LEU C 33 -7.03 -19.85 -17.30
C LEU C 33 -6.53 -21.29 -17.46
N LEU C 34 -6.54 -22.08 -16.38
CA LEU C 34 -6.05 -23.46 -16.48
C LEU C 34 -6.98 -24.35 -17.29
N LEU C 35 -8.28 -24.06 -17.27
CA LEU C 35 -9.26 -24.84 -18.01
C LEU C 35 -9.44 -24.35 -19.45
N LYS C 36 -8.92 -23.17 -19.78
CA LYS C 36 -9.03 -22.65 -21.13
C LYS C 36 -7.77 -23.01 -21.94
N ASP C 37 -7.76 -22.62 -23.21
CA ASP C 37 -6.62 -22.89 -24.10
C ASP C 37 -5.64 -21.73 -23.99
N CYS C 38 -4.75 -21.80 -23.00
CA CYS C 38 -3.77 -20.75 -22.75
C CYS C 38 -2.44 -21.09 -23.40
N LYS C 39 -1.45 -20.22 -23.17
CA LYS C 39 -0.10 -20.40 -23.69
C LYS C 39 -0.07 -20.51 -25.21
N CYS C 40 -0.17 -19.38 -25.90
CA CYS C 40 -0.07 -19.32 -27.34
C CYS C 40 1.35 -18.91 -27.76
N ARG C 41 1.64 -19.11 -29.04
CA ARG C 41 2.95 -18.76 -29.57
C ARG C 41 3.14 -17.25 -29.62
N SER C 42 4.40 -16.83 -29.73
CA SER C 42 4.80 -15.42 -29.77
C SER C 42 4.27 -14.65 -28.56
N ARG C 43 4.75 -15.07 -27.38
CA ARG C 43 4.33 -14.44 -26.15
C ARG C 43 4.87 -13.02 -26.05
N LEU C 44 4.13 -12.16 -25.34
CA LEU C 44 4.51 -10.77 -25.13
C LEU C 44 4.91 -10.46 -23.69
N PHE C 45 4.18 -10.97 -22.70
CA PHE C 45 4.55 -10.76 -21.30
C PHE C 45 5.30 -11.98 -20.77
N PRO C 46 6.41 -11.74 -20.04
CA PRO C 46 6.89 -10.40 -19.73
C PRO C 46 7.74 -9.81 -20.86
N ARG C 47 7.86 -8.49 -20.90
CA ARG C 47 8.76 -7.87 -21.85
C ARG C 47 10.20 -8.14 -21.44
N THR C 48 11.06 -8.41 -22.44
CA THR C 48 12.42 -8.85 -22.14
C THR C 48 13.25 -7.77 -21.48
N TRP C 49 12.93 -6.50 -21.74
CA TRP C 49 13.67 -5.37 -21.20
C TRP C 49 12.88 -4.67 -20.10
N ASP C 50 13.61 -3.90 -19.28
CA ASP C 50 13.03 -3.21 -18.15
C ASP C 50 12.76 -1.75 -18.47
N LEU C 51 11.76 -1.17 -17.79
CA LEU C 51 11.33 0.19 -18.08
C LEU C 51 12.40 1.21 -17.73
N ARG C 52 13.30 0.90 -16.78
CA ARG C 52 14.40 1.81 -16.47
C ARG C 52 15.32 2.01 -17.66
N GLN C 53 15.27 1.13 -18.66
CA GLN C 53 16.09 1.24 -19.85
C GLN C 53 15.51 2.20 -20.88
N LEU C 54 14.40 2.86 -20.56
CA LEU C 54 13.85 3.95 -21.36
C LEU C 54 14.06 5.27 -20.64
N GLN C 55 13.82 6.35 -21.35
CA GLN C 55 13.86 7.68 -20.76
C GLN C 55 12.59 7.95 -19.96
N VAL C 56 12.71 8.79 -18.94
CA VAL C 56 11.60 9.01 -18.03
C VAL C 56 10.34 9.45 -18.77
N ARG C 57 10.49 10.24 -19.83
CA ARG C 57 9.33 10.72 -20.57
C ARG C 57 8.73 9.64 -21.46
N GLU C 58 9.49 8.60 -21.79
CA GLU C 58 9.00 7.51 -22.61
C GLU C 58 8.42 6.36 -21.79
N ARG C 59 8.78 6.26 -20.51
CA ARG C 59 8.24 5.19 -19.69
C ARG C 59 6.73 5.21 -19.56
N PRO C 60 6.05 6.34 -19.34
CA PRO C 60 4.58 6.31 -19.33
C PRO C 60 3.98 5.83 -20.63
N VAL C 61 4.66 6.05 -21.75
CA VAL C 61 4.10 5.64 -23.03
C VAL C 61 4.06 4.13 -23.11
N ALA C 62 5.13 3.47 -22.68
CA ALA C 62 5.13 2.01 -22.65
C ALA C 62 4.13 1.48 -21.63
N LEU C 63 4.06 2.11 -20.46
CA LEU C 63 3.13 1.66 -19.43
C LEU C 63 1.69 1.85 -19.89
N GLU C 64 1.41 2.95 -20.59
CA GLU C 64 0.05 3.16 -21.08
C GLU C 64 -0.38 2.03 -22.01
N ALA C 65 0.50 1.61 -22.93
CA ALA C 65 0.10 0.58 -23.89
C ALA C 65 -0.10 -0.77 -23.23
N GLU C 66 0.68 -1.09 -22.20
CA GLU C 66 0.48 -2.34 -21.47
C GLU C 66 -0.80 -2.29 -20.65
N LEU C 67 -1.07 -1.14 -20.03
CA LEU C 67 -2.25 -1.03 -19.17
C LEU C 67 -3.53 -1.01 -20.01
N ALA C 68 -3.49 -0.35 -21.17
CA ALA C 68 -4.65 -0.32 -22.05
C ALA C 68 -4.98 -1.72 -22.57
N LEU C 69 -3.96 -2.49 -22.92
CA LEU C 69 -4.16 -3.88 -23.31
C LEU C 69 -4.78 -4.69 -22.17
N THR C 70 -4.20 -4.57 -20.97
CA THR C 70 -4.73 -5.27 -19.80
C THR C 70 -6.20 -4.90 -19.59
N LEU C 71 -6.50 -3.61 -19.57
CA LEU C 71 -7.88 -3.17 -19.37
C LEU C 71 -8.79 -3.73 -20.47
N LYS C 72 -8.31 -3.71 -21.71
CA LYS C 72 -9.12 -4.20 -22.82
C LYS C 72 -9.39 -5.70 -22.70
N VAL C 73 -8.41 -6.46 -22.20
CA VAL C 73 -8.56 -7.91 -22.10
C VAL C 73 -9.46 -8.26 -20.93
N LEU C 74 -9.21 -7.69 -19.75
CA LEU C 74 -10.02 -8.05 -18.59
C LEU C 74 -11.45 -7.56 -18.71
N ASP C 75 -11.67 -6.41 -19.36
CA ASP C 75 -13.03 -6.00 -19.68
C ASP C 75 -13.73 -7.03 -20.56
N ALA C 76 -13.04 -7.55 -21.57
CA ALA C 76 -13.61 -8.62 -22.38
C ALA C 76 -13.77 -9.91 -21.59
N THR C 77 -13.00 -10.07 -20.51
CA THR C 77 -13.12 -11.28 -19.70
C THR C 77 -14.30 -11.19 -18.73
N ALA C 78 -14.54 -9.99 -18.18
CA ALA C 78 -15.69 -9.80 -17.31
C ALA C 78 -17.00 -9.91 -18.07
N ASP C 79 -17.01 -9.56 -19.36
CA ASP C 79 -18.22 -9.70 -20.17
C ASP C 79 -18.43 -11.13 -20.67
N THR C 80 -17.35 -11.91 -20.78
CA THR C 80 -17.46 -13.33 -21.14
C THR C 80 -17.99 -14.15 -19.97
N ASP C 81 -17.46 -13.94 -18.78
CA ASP C 81 -17.85 -14.67 -17.58
C ASP C 81 -18.36 -13.69 -16.53
N PRO C 82 -19.68 -13.47 -16.43
CA PRO C 82 -20.22 -12.68 -15.31
C PRO C 82 -19.79 -13.14 -13.91
N ALA C 83 -19.74 -14.45 -13.66
CA ALA C 83 -19.29 -14.95 -12.36
C ALA C 83 -17.86 -14.53 -12.07
N LEU C 84 -16.98 -14.57 -13.09
CA LEU C 84 -15.62 -14.08 -12.90
C LEU C 84 -15.57 -12.56 -12.81
N GLY C 85 -16.55 -11.88 -13.40
CA GLY C 85 -16.62 -10.43 -13.30
C GLY C 85 -17.10 -9.90 -11.97
N ASP C 86 -17.56 -10.78 -11.07
CA ASP C 86 -17.93 -10.34 -9.74
C ASP C 86 -16.71 -9.85 -8.98
N VAL C 87 -15.57 -10.47 -9.21
CA VAL C 87 -14.34 -10.09 -8.54
C VAL C 87 -13.58 -9.03 -9.34
N LEU C 88 -13.63 -9.12 -10.67
CA LEU C 88 -12.87 -8.22 -11.53
C LEU C 88 -13.46 -6.82 -11.59
N ASP C 89 -14.65 -6.60 -11.04
CA ASP C 89 -15.33 -5.32 -11.22
C ASP C 89 -14.55 -4.17 -10.61
N GLN C 90 -14.17 -4.29 -9.34
CA GLN C 90 -13.45 -3.20 -8.67
C GLN C 90 -12.04 -3.01 -9.25
N PRO C 91 -11.28 -4.09 -9.52
CA PRO C 91 -10.02 -3.91 -10.26
C PRO C 91 -10.17 -3.15 -11.57
N LEU C 92 -11.19 -3.48 -12.38
CA LEU C 92 -11.36 -2.82 -13.67
C LEU C 92 -11.56 -1.32 -13.48
N HIS C 93 -12.42 -0.92 -12.53
CA HIS C 93 -12.60 0.49 -12.22
C HIS C 93 -11.28 1.18 -11.90
N THR C 94 -10.43 0.54 -11.09
CA THR C 94 -9.17 1.17 -10.70
C THR C 94 -8.20 1.26 -11.87
N LEU C 95 -8.00 0.15 -12.61
CA LEU C 95 -7.10 0.18 -13.76
C LEU C 95 -7.52 1.26 -14.74
N HIS C 96 -8.83 1.41 -14.97
CA HIS C 96 -9.31 2.49 -15.82
C HIS C 96 -8.88 3.85 -15.30
N HIS C 97 -9.02 4.08 -13.98
CA HIS C 97 -8.69 5.39 -13.43
C HIS C 97 -7.20 5.67 -13.57
N ILE C 98 -6.36 4.68 -13.26
CA ILE C 98 -4.92 4.85 -13.45
C ILE C 98 -4.61 5.17 -14.91
N LEU C 99 -5.23 4.44 -15.83
CA LEU C 99 -5.00 4.70 -17.24
C LEU C 99 -5.40 6.14 -17.59
N SER C 100 -6.50 6.62 -17.02
CA SER C 100 -6.89 8.00 -17.26
C SER C 100 -5.82 8.96 -16.74
N GLN C 101 -5.33 8.71 -15.52
CA GLN C 101 -4.29 9.58 -14.97
C GLN C 101 -3.00 9.48 -15.76
N LEU C 102 -2.74 8.31 -16.33
CA LEU C 102 -1.51 8.10 -17.09
C LEU C 102 -1.54 8.84 -18.42
N ARG C 103 -2.69 8.85 -19.09
CA ARG C 103 -2.78 9.57 -20.35
C ARG C 103 -2.66 11.07 -20.20
N ALA C 104 -2.72 11.59 -18.97
CA ALA C 104 -2.56 13.02 -18.75
C ALA C 104 -1.10 13.45 -18.66
N CYS C 105 -0.17 12.51 -18.58
CA CYS C 105 1.26 12.79 -18.53
C CYS C 105 1.95 12.59 -19.87
N ILE C 106 1.19 12.40 -20.94
CA ILE C 106 1.73 12.04 -22.25
C ILE C 106 1.20 13.02 -23.28
N GLN C 107 2.06 13.45 -24.20
CA GLN C 107 1.67 14.38 -25.26
C GLN C 107 0.72 13.74 -26.26
N ARG C 117 12.53 3.74 -34.52
CA ARG C 117 12.40 2.28 -34.55
C ARG C 117 13.20 1.61 -33.44
N GLY C 118 13.26 2.27 -32.28
CA GLY C 118 13.98 1.73 -31.14
C GLY C 118 13.19 0.63 -30.43
N ARG C 119 13.63 0.34 -29.20
CA ARG C 119 13.00 -0.72 -28.43
C ARG C 119 11.58 -0.37 -28.00
N LEU C 120 11.23 0.93 -27.98
CA LEU C 120 9.88 1.32 -27.62
C LEU C 120 8.94 1.19 -28.81
N HIS C 121 9.43 1.47 -30.01
CA HIS C 121 8.58 1.31 -31.19
C HIS C 121 8.18 -0.15 -31.37
N ARG C 122 9.14 -1.06 -31.24
CA ARG C 122 8.84 -2.48 -31.43
C ARG C 122 7.96 -3.02 -30.31
N TRP C 123 8.09 -2.48 -29.10
CA TRP C 123 7.24 -2.92 -28.00
C TRP C 123 5.80 -2.46 -28.20
N LEU C 124 5.61 -1.16 -28.46
CA LEU C 124 4.28 -0.64 -28.73
C LEU C 124 3.65 -1.36 -29.92
N HIS C 125 4.48 -1.80 -30.86
CA HIS C 125 3.96 -2.48 -32.05
C HIS C 125 3.44 -3.87 -31.71
N ARG C 126 4.18 -4.63 -30.89
CA ARG C 126 3.75 -5.99 -30.57
C ARG C 126 2.51 -5.96 -29.69
N LEU C 127 2.42 -5.01 -28.75
CA LEU C 127 1.19 -4.86 -27.97
C LEU C 127 0.00 -4.51 -28.85
N GLN C 128 0.24 -3.78 -29.94
CA GLN C 128 -0.85 -3.34 -30.79
C GLN C 128 -1.26 -4.41 -31.79
N GLU C 129 -0.33 -5.29 -32.16
CA GLU C 129 -0.59 -6.36 -33.12
C GLU C 129 -0.77 -7.72 -32.44
N ALA C 130 -1.10 -7.73 -31.15
CA ALA C 130 -1.30 -8.98 -30.42
C ALA C 130 -2.77 -9.38 -30.30
N PRO C 131 -3.70 -8.45 -29.98
CA PRO C 131 -5.11 -8.86 -29.91
C PRO C 131 -5.64 -9.37 -31.24
N LYS C 132 -5.10 -8.89 -32.36
CA LYS C 132 -5.52 -9.32 -33.68
C LYS C 132 -4.81 -10.58 -34.15
N LYS C 133 -3.86 -11.10 -33.38
CA LYS C 133 -3.11 -12.29 -33.78
C LYS C 133 -2.82 -13.21 -32.60
N GLU C 134 -3.72 -13.28 -31.62
CA GLU C 134 -3.56 -14.17 -30.48
C GLU C 134 -4.93 -14.57 -29.95
N SER C 135 -4.99 -15.74 -29.32
CA SER C 135 -6.24 -16.26 -28.79
C SER C 135 -6.61 -15.53 -27.49
N PRO C 136 -7.91 -15.45 -27.17
CA PRO C 136 -8.31 -14.71 -25.96
C PRO C 136 -7.76 -15.31 -24.68
N GLY C 137 -7.92 -16.62 -24.49
CA GLY C 137 -7.41 -17.26 -23.28
C GLY C 137 -5.92 -17.06 -23.09
N CYS C 138 -5.17 -16.93 -24.18
CA CYS C 138 -3.75 -16.63 -24.08
C CYS C 138 -3.54 -15.22 -23.56
N LEU C 139 -4.15 -14.24 -24.22
CA LEU C 139 -4.04 -12.87 -23.75
C LEU C 139 -4.52 -12.72 -22.32
N GLU C 140 -5.60 -13.42 -21.97
CA GLU C 140 -6.08 -13.39 -20.60
C GLU C 140 -5.00 -13.91 -19.66
N ALA C 141 -4.39 -15.03 -20.02
CA ALA C 141 -3.34 -15.58 -19.17
C ALA C 141 -2.10 -14.69 -19.20
N SER C 142 -1.83 -14.05 -20.33
CA SER C 142 -0.62 -13.24 -20.43
C SER C 142 -0.70 -11.99 -19.56
N VAL C 143 -1.86 -11.32 -19.55
CA VAL C 143 -2.00 -10.12 -18.71
C VAL C 143 -2.30 -10.46 -17.26
N THR C 144 -2.73 -11.69 -16.96
CA THR C 144 -2.98 -12.05 -15.58
C THR C 144 -1.68 -12.21 -14.80
N PHE C 145 -0.72 -12.92 -15.39
CA PHE C 145 0.57 -13.11 -14.72
C PHE C 145 1.39 -11.83 -14.74
N ASN C 146 1.05 -10.90 -15.61
CA ASN C 146 1.72 -9.60 -15.66
C ASN C 146 1.00 -8.55 -14.81
N LEU C 147 -0.07 -8.95 -14.11
CA LEU C 147 -0.91 -7.98 -13.42
C LEU C 147 -0.14 -7.25 -12.32
N PHE C 148 0.54 -8.01 -11.44
CA PHE C 148 1.33 -7.39 -10.38
C PHE C 148 2.71 -6.94 -10.82
N ARG C 149 3.22 -7.44 -11.95
CA ARG C 149 4.37 -6.80 -12.59
C ARG C 149 4.05 -5.36 -12.95
N LEU C 150 2.84 -5.14 -13.48
CA LEU C 150 2.45 -3.80 -13.88
C LEU C 150 2.24 -2.90 -12.66
N LEU C 151 1.53 -3.40 -11.65
CA LEU C 151 1.14 -2.57 -10.51
C LEU C 151 2.29 -2.33 -9.54
N ALA C 152 3.06 -3.38 -9.22
CA ALA C 152 4.11 -3.28 -8.21
C ALA C 152 5.43 -2.76 -8.75
N ARG C 153 5.75 -3.00 -10.03
CA ARG C 153 7.03 -2.60 -10.59
C ARG C 153 6.90 -1.47 -11.62
N ASP C 154 6.11 -1.69 -12.68
CA ASP C 154 6.07 -0.74 -13.78
C ASP C 154 5.37 0.55 -13.36
N LEU C 155 4.18 0.44 -12.76
CA LEU C 155 3.53 1.65 -12.30
C LEU C 155 4.38 2.37 -11.26
N ASN C 156 5.03 1.60 -10.38
CA ASN C 156 5.87 2.22 -9.35
C ASN C 156 7.00 3.01 -9.99
N CYS C 157 7.67 2.43 -10.98
CA CYS C 157 8.76 3.11 -11.66
C CYS C 157 8.29 4.40 -12.32
N VAL C 158 7.17 4.33 -13.06
CA VAL C 158 6.69 5.52 -13.73
C VAL C 158 6.32 6.61 -12.73
N ALA C 159 5.65 6.22 -11.63
CA ALA C 159 5.27 7.19 -10.61
C ALA C 159 6.48 7.78 -9.88
N SER C 160 7.59 7.04 -9.81
CA SER C 160 8.78 7.56 -9.15
C SER C 160 9.54 8.58 -9.98
N GLY C 161 9.15 8.81 -11.23
CA GLY C 161 9.75 9.89 -11.99
C GLY C 161 11.24 9.71 -12.19
N ASP C 162 12.01 10.72 -11.78
CA ASP C 162 13.45 10.68 -11.97
C ASP C 162 14.16 9.93 -10.86
N LEU C 163 13.42 9.34 -9.93
CA LEU C 163 14.01 8.53 -8.88
C LEU C 163 14.14 7.07 -9.27
N CYS C 164 13.40 6.61 -10.26
CA CYS C 164 13.55 5.27 -10.80
C CYS C 164 14.77 5.26 -11.72
N GLU C 165 15.87 4.69 -11.24
CA GLU C 165 17.07 4.55 -12.06
C GLU C 165 18.02 3.50 -11.48
C1 NAG D . 18.38 7.05 7.23
C2 NAG D . 19.12 8.14 6.47
C3 NAG D . 18.57 8.23 5.04
C4 NAG D . 18.62 6.86 4.37
C5 NAG D . 17.99 5.78 5.24
C6 NAG D . 18.20 4.38 4.70
C7 NAG D . 17.89 10.06 7.45
C8 NAG D . 18.04 11.37 8.15
N2 NAG D . 19.04 9.42 7.14
O3 NAG D . 19.33 9.18 4.32
O4 NAG D . 17.93 6.90 3.12
O5 NAG D . 18.56 5.80 6.56
O6 NAG D . 17.24 4.04 3.71
O7 NAG D . 16.80 9.59 7.18
C1 NAG E . 19.63 -10.55 4.95
C2 NAG E . 20.77 -10.38 5.96
C3 NAG E . 21.80 -9.42 5.41
C4 NAG E . 22.27 -9.86 4.02
C5 NAG E . 21.09 -10.10 3.10
C6 NAG E . 21.48 -10.70 1.77
C7 NAG E . 20.07 -10.71 8.31
C8 NAG E . 20.43 -12.16 8.13
N2 NAG E . 20.25 -9.92 7.24
O3 NAG E . 22.90 -9.32 6.30
O4 NAG E . 23.13 -8.87 3.46
O5 NAG E . 20.16 -11.02 3.70
O6 NAG E . 20.35 -10.99 0.96
O7 NAG E . 19.63 -10.28 9.36
C1 NAG F . 10.32 -32.36 8.63
C2 NAG F . 9.33 -33.54 8.75
C3 NAG F . 8.87 -33.70 10.19
C4 NAG F . 10.07 -33.79 11.14
C5 NAG F . 11.02 -32.62 10.91
C6 NAG F . 12.30 -32.72 11.73
C7 NAG F . 7.75 -34.28 7.01
C8 NAG F . 8.53 -35.55 6.95
N2 NAG F . 8.19 -33.35 7.87
O3 NAG F . 8.06 -34.86 10.32
O4 NAG F . 9.63 -33.76 12.49
O5 NAG F . 11.41 -32.56 9.55
O6 NAG F . 13.37 -32.04 11.08
O7 NAG F . 6.77 -34.09 6.29
#